data_2IWI
#
_entry.id   2IWI
#
_cell.length_a   153.070
_cell.length_b   153.070
_cell.length_c   78.600
_cell.angle_alpha   90.00
_cell.angle_beta   90.00
_cell.angle_gamma   120.00
#
_symmetry.space_group_name_H-M   'H 3'
#
loop_
_entity.id
_entity.type
_entity.pdbx_description
1 polymer 'SERINE/THREONINE-PROTEIN KINASE PIM-2'
2 non-polymer RUTHENIUM-PYRIDOCARBAZOLE-1
#
_entity_poly.entity_id   1
_entity_poly.type   'polypeptide(L)'
_entity_poly.pdbx_seq_one_letter_code
;SMLTKPLQGPPAPPGTPTPPPGGKDREAFEAEYRLGPLLGKGGFGTVFAGHRLTDRLQVAIKVIPRNRVLGWSPLSDSVT
CPLEVALLWKVGAGGGHPGVIRLLDWFETQEGFMLVLERPLPAQDLFDYITEKGPLGEGPSRCFFGQVVAAIQHCHSRGV
VHRDIKDENILIDLRRGCAKLIDFGSGALLHDEPYTDFDGTRVYSPPEWISRHQYHALPATVWSLGILLYDMVCGDIPFE
RDQEILEAELHFPAHVSPDCCALIRRCLAPKPSSRPSLEEILLDPWMQTPAEDVPLNPSKGGPAPLAWSLLP
;
_entity_poly.pdbx_strand_id   A,B
#
loop_
_chem_comp.id
_chem_comp.type
_chem_comp.name
_chem_comp.formula
HB1 non-polymer RUTHENIUM-PYRIDOCARBAZOLE-1 'C23 H13 N3 O3 Ru'
#
# COMPACT_ATOMS: atom_id res chain seq x y z
N TYR A 33 10.12 -12.16 -25.44
CA TYR A 33 9.01 -12.53 -24.51
C TYR A 33 7.66 -11.97 -24.93
N ARG A 34 6.62 -12.70 -24.54
CA ARG A 34 5.24 -12.30 -24.74
C ARG A 34 4.53 -12.24 -23.39
N LEU A 35 4.11 -11.05 -22.97
CA LEU A 35 3.31 -10.92 -21.75
C LEU A 35 1.90 -11.43 -22.00
N GLY A 36 1.18 -11.69 -20.93
CA GLY A 36 -0.15 -12.26 -21.05
C GLY A 36 -1.08 -11.71 -20.00
N PRO A 37 -1.88 -12.57 -19.37
CA PRO A 37 -2.84 -12.12 -18.37
C PRO A 37 -2.18 -11.75 -17.03
N LEU A 38 -2.78 -10.79 -16.32
CA LEU A 38 -2.25 -10.35 -15.02
C LEU A 38 -2.36 -11.52 -14.05
N LEU A 39 -1.52 -11.52 -13.02
CA LEU A 39 -1.61 -12.51 -11.93
C LEU A 39 -1.94 -11.82 -10.60
N GLY A 40 -1.19 -10.79 -10.25
CA GLY A 40 -1.46 -9.95 -9.08
C GLY A 40 -0.84 -8.57 -9.18
N LYS A 41 -1.44 -7.61 -8.49
CA LYS A 41 -0.95 -6.23 -8.45
C LYS A 41 -0.66 -5.83 -7.02
N GLY A 42 0.11 -4.75 -6.82
CA GLY A 42 0.37 -4.21 -5.48
C GLY A 42 1.68 -3.45 -5.36
N GLY A 43 2.09 -3.17 -4.12
CA GLY A 43 3.33 -2.44 -3.84
C GLY A 43 4.58 -3.15 -4.29
N PHE A 44 4.50 -4.48 -4.37
CA PHE A 44 5.57 -5.30 -4.95
C PHE A 44 5.76 -5.09 -6.45
N GLY A 45 5.00 -4.16 -7.05
CA GLY A 45 4.98 -3.99 -8.50
C GLY A 45 3.79 -4.70 -9.13
N THR A 46 3.97 -5.25 -10.31
CA THR A 46 2.90 -5.94 -11.02
C THR A 46 3.43 -7.16 -11.78
N VAL A 47 2.92 -8.34 -11.45
CA VAL A 47 3.40 -9.59 -12.06
C VAL A 47 2.41 -10.14 -13.09
N PHE A 48 2.84 -10.11 -14.36
CA PHE A 48 2.07 -10.65 -15.48
C PHE A 48 2.53 -12.06 -15.82
N ALA A 49 1.60 -12.91 -16.25
CA ALA A 49 1.94 -14.19 -16.83
C ALA A 49 2.47 -13.92 -18.23
N GLY A 50 3.24 -14.84 -18.77
CA GLY A 50 3.80 -14.67 -20.09
C GLY A 50 4.56 -15.90 -20.52
N HIS A 51 5.18 -15.83 -21.69
CA HIS A 51 6.00 -16.94 -22.18
C HIS A 51 7.21 -16.47 -23.00
N ARG A 52 8.19 -17.34 -23.09
CA ARG A 52 9.39 -17.10 -23.86
C ARG A 52 9.11 -17.54 -25.28
N LEU A 53 9.29 -16.63 -26.25
CA LEU A 53 8.90 -16.88 -27.63
C LEU A 53 9.51 -18.15 -28.23
N THR A 54 10.82 -18.33 -28.03
CA THR A 54 11.55 -19.43 -28.67
C THR A 54 11.10 -20.82 -28.26
N ASP A 55 11.15 -21.10 -26.96
CA ASP A 55 10.85 -22.45 -26.41
C ASP A 55 9.43 -22.60 -25.83
N ARG A 56 8.63 -21.53 -25.91
CA ARG A 56 7.27 -21.53 -25.34
C ARG A 56 7.21 -21.84 -23.83
N LEU A 57 8.28 -21.50 -23.11
CA LEU A 57 8.34 -21.71 -21.65
C LEU A 57 7.46 -20.68 -20.94
N GLN A 58 6.74 -21.14 -19.92
CA GLN A 58 5.86 -20.28 -19.13
C GLN A 58 6.70 -19.50 -18.12
N VAL A 59 6.65 -18.18 -18.19
CA VAL A 59 7.39 -17.31 -17.28
C VAL A 59 6.47 -16.31 -16.62
N ALA A 60 7.01 -15.59 -15.64
CA ALA A 60 6.31 -14.49 -14.97
C ALA A 60 7.13 -13.22 -15.16
N ILE A 61 6.48 -12.15 -15.58
CA ILE A 61 7.15 -10.87 -15.80
C ILE A 61 6.70 -9.89 -14.72
N LYS A 62 7.60 -9.63 -13.77
CA LYS A 62 7.35 -8.70 -12.68
C LYS A 62 7.80 -7.31 -13.10
N VAL A 63 6.86 -6.37 -13.10
CA VAL A 63 7.12 -5.00 -13.54
C VAL A 63 7.25 -4.08 -12.33
N ILE A 64 8.40 -3.42 -12.24
CA ILE A 64 8.69 -2.49 -11.13
C ILE A 64 8.94 -1.07 -11.67
N PRO A 65 8.19 -0.07 -11.15
CA PRO A 65 8.51 1.35 -11.38
C PRO A 65 9.92 1.75 -10.92
N ARG A 66 10.46 2.83 -11.49
CA ARG A 66 11.80 3.30 -11.13
C ARG A 66 11.80 3.97 -9.75
N ASN A 67 11.14 5.13 -9.63
CA ASN A 67 11.13 5.89 -8.37
C ASN A 67 10.07 5.44 -7.35
N ARG A 68 9.29 4.40 -7.67
CA ARG A 68 8.29 3.86 -6.75
C ARG A 68 8.62 2.40 -6.41
N VAL A 69 9.88 2.16 -6.06
CA VAL A 69 10.34 0.84 -5.61
C VAL A 69 11.36 1.01 -4.48
N LEU A 70 12.59 1.35 -4.86
CA LEU A 70 13.71 1.55 -3.92
C LEU A 70 15.05 1.36 -4.63
N VAL A 79 26.97 -3.36 -12.31
CA VAL A 79 26.56 -2.02 -12.74
C VAL A 79 25.43 -1.50 -11.83
N THR A 80 24.45 -0.80 -12.42
CA THR A 80 23.41 -0.11 -11.65
C THR A 80 22.03 -0.72 -11.88
N CYS A 81 21.92 -2.02 -11.63
CA CYS A 81 20.64 -2.72 -11.68
C CYS A 81 19.97 -2.69 -10.30
N PRO A 82 18.64 -2.87 -10.26
CA PRO A 82 17.93 -2.94 -8.98
C PRO A 82 18.52 -3.96 -8.00
N LEU A 83 18.47 -3.66 -6.71
CA LEU A 83 19.00 -4.57 -5.70
C LEU A 83 18.42 -5.96 -5.91
N GLU A 84 17.11 -6.03 -6.07
CA GLU A 84 16.40 -7.29 -6.30
C GLU A 84 17.07 -8.17 -7.36
N VAL A 85 17.51 -7.56 -8.45
CA VAL A 85 18.22 -8.30 -9.48
C VAL A 85 19.53 -8.81 -8.94
N ALA A 86 20.29 -7.93 -8.31
CA ALA A 86 21.58 -8.31 -7.71
C ALA A 86 21.42 -9.52 -6.81
N LEU A 87 20.39 -9.48 -5.98
CA LEU A 87 20.12 -10.53 -5.00
C LEU A 87 19.75 -11.84 -5.69
N LEU A 88 18.76 -11.81 -6.58
CA LEU A 88 18.31 -13.02 -7.27
C LEU A 88 19.44 -13.71 -8.05
N TRP A 89 20.38 -12.95 -8.60
CA TRP A 89 21.51 -13.55 -9.33
C TRP A 89 22.44 -14.27 -8.36
N LYS A 90 22.68 -13.68 -7.20
CA LYS A 90 23.53 -14.32 -6.19
C LYS A 90 22.88 -15.61 -5.74
N VAL A 91 21.58 -15.52 -5.47
CA VAL A 91 20.76 -16.66 -5.07
C VAL A 91 20.69 -17.72 -6.17
N GLY A 92 20.49 -17.27 -7.41
CA GLY A 92 20.34 -18.18 -8.55
C GLY A 92 21.62 -18.73 -9.15
N ALA A 93 22.79 -18.33 -8.64
CA ALA A 93 24.07 -18.82 -9.13
C ALA A 93 24.14 -20.32 -8.93
N GLY A 94 24.71 -21.05 -9.89
CA GLY A 94 24.69 -22.50 -9.85
C GLY A 94 23.27 -23.01 -10.04
N GLY A 95 22.50 -23.04 -8.96
CA GLY A 95 21.09 -23.40 -9.02
C GLY A 95 20.42 -23.12 -7.68
N GLY A 96 19.15 -22.74 -7.74
CA GLY A 96 18.36 -22.34 -6.57
C GLY A 96 18.18 -23.45 -5.55
N HIS A 97 17.50 -23.13 -4.46
CA HIS A 97 17.58 -23.93 -3.23
C HIS A 97 16.85 -25.26 -3.17
N PRO A 98 16.19 -25.71 -4.27
CA PRO A 98 15.46 -25.03 -5.39
C PRO A 98 14.02 -24.66 -4.98
N GLY A 99 13.85 -24.22 -3.74
CA GLY A 99 12.62 -23.58 -3.32
C GLY A 99 12.78 -22.07 -3.36
N VAL A 100 13.52 -21.60 -4.37
CA VAL A 100 13.67 -20.19 -4.61
C VAL A 100 13.48 -20.01 -6.09
N ILE A 101 12.57 -19.12 -6.47
CA ILE A 101 12.32 -18.84 -7.90
C ILE A 101 13.55 -18.18 -8.48
N ARG A 102 13.84 -18.50 -9.73
CA ARG A 102 15.03 -18.01 -10.42
C ARG A 102 14.68 -16.89 -11.39
N LEU A 103 15.53 -15.85 -11.42
CA LEU A 103 15.38 -14.78 -12.40
C LEU A 103 15.97 -15.25 -13.72
N LEU A 104 15.17 -15.19 -14.78
CA LEU A 104 15.63 -15.63 -16.09
C LEU A 104 16.29 -14.52 -16.88
N ASP A 105 15.83 -13.28 -16.68
CA ASP A 105 16.35 -12.14 -17.41
C ASP A 105 15.73 -10.85 -16.86
N TRP A 106 16.37 -9.71 -17.11
CA TRP A 106 15.81 -8.42 -16.69
C TRP A 106 16.03 -7.36 -17.75
N PHE A 107 15.09 -6.42 -17.82
CA PHE A 107 15.06 -5.41 -18.89
C PHE A 107 14.71 -4.03 -18.35
N PHE A 113 11.50 -1.05 -15.16
CA PHE A 113 12.18 -2.34 -14.98
C PHE A 113 11.23 -3.54 -15.10
N MET A 114 11.66 -4.55 -15.85
CA MET A 114 10.86 -5.75 -16.07
C MET A 114 11.71 -7.01 -15.83
N LEU A 115 11.36 -7.75 -14.77
CA LEU A 115 12.08 -8.96 -14.39
C LEU A 115 11.32 -10.22 -14.85
N VAL A 116 11.93 -10.99 -15.75
CA VAL A 116 11.38 -12.25 -16.18
C VAL A 116 11.86 -13.34 -15.23
N LEU A 117 10.95 -13.93 -14.46
CA LEU A 117 11.27 -15.01 -13.53
C LEU A 117 10.56 -16.29 -13.95
N GLU A 118 10.96 -17.43 -13.37
CA GLU A 118 10.29 -18.69 -13.68
C GLU A 118 8.88 -18.72 -13.09
N ARG A 119 7.96 -19.40 -13.76
CA ARG A 119 6.58 -19.45 -13.32
C ARG A 119 6.12 -20.90 -13.40
N PRO A 120 5.99 -21.57 -12.25
CA PRO A 120 5.42 -22.91 -12.32
C PRO A 120 3.95 -22.85 -12.74
N LEU A 121 3.52 -23.83 -13.51
CA LEU A 121 2.11 -23.98 -13.87
C LEU A 121 1.74 -25.42 -13.55
N PRO A 122 0.70 -25.63 -12.71
CA PRO A 122 -0.11 -24.61 -12.08
C PRO A 122 0.58 -24.11 -10.84
N ALA A 123 0.35 -22.86 -10.47
CA ALA A 123 0.91 -22.30 -9.23
C ALA A 123 -0.16 -21.57 -8.41
N GLN A 124 0.14 -21.36 -7.14
CA GLN A 124 -0.77 -20.67 -6.21
C GLN A 124 0.03 -20.39 -5.00
N ASP A 125 -0.16 -19.22 -4.38
CA ASP A 125 0.61 -18.93 -3.15
C ASP A 125 -0.14 -19.36 -1.88
N LEU A 126 0.65 -19.61 -0.86
CA LEU A 126 0.17 -20.16 0.40
C LEU A 126 -0.98 -19.35 0.96
N PHE A 127 -0.88 -18.04 0.88
CA PHE A 127 -1.96 -17.19 1.35
C PHE A 127 -3.29 -17.67 0.72
N ASP A 128 -3.32 -17.83 -0.59
CA ASP A 128 -4.56 -18.19 -1.27
C ASP A 128 -4.88 -19.65 -1.05
N TYR A 129 -3.83 -20.44 -0.87
CA TYR A 129 -3.96 -21.85 -0.57
C TYR A 129 -4.81 -22.04 0.69
N ILE A 130 -4.26 -21.52 1.78
CA ILE A 130 -4.96 -21.52 3.05
C ILE A 130 -6.35 -20.90 2.98
N THR A 131 -6.54 -19.85 2.18
CA THR A 131 -7.83 -19.20 2.09
C THR A 131 -8.91 -20.10 1.44
N GLU A 132 -8.48 -21.07 0.62
CA GLU A 132 -9.44 -21.96 -0.08
C GLU A 132 -9.60 -23.28 0.66
N LYS A 133 -8.49 -23.80 1.17
CA LYS A 133 -8.46 -25.07 1.89
C LYS A 133 -8.55 -24.92 3.42
N GLY A 134 -7.93 -23.87 3.96
CA GLY A 134 -7.94 -23.64 5.40
C GLY A 134 -6.64 -24.20 5.90
N PRO A 135 -6.49 -24.38 7.22
CA PRO A 135 -5.16 -24.77 7.75
C PRO A 135 -4.66 -26.09 7.12
N LEU A 136 -3.36 -26.23 6.98
CA LEU A 136 -2.80 -27.28 6.14
C LEU A 136 -2.83 -28.72 6.72
N GLY A 137 -2.87 -28.85 8.05
CA GLY A 137 -2.55 -30.12 8.71
C GLY A 137 -1.08 -30.00 9.06
N GLU A 138 -0.62 -30.75 10.06
CA GLU A 138 0.79 -30.69 10.47
C GLU A 138 1.65 -31.58 9.60
N GLY A 139 1.05 -32.55 8.92
CA GLY A 139 1.86 -33.37 8.00
C GLY A 139 2.41 -32.43 6.92
N PRO A 140 1.51 -31.96 6.05
CA PRO A 140 1.76 -31.02 4.99
C PRO A 140 2.51 -29.82 5.45
N SER A 141 2.09 -29.21 6.54
CA SER A 141 2.80 -28.04 7.06
C SER A 141 4.31 -28.28 7.29
N ARG A 142 4.65 -29.39 7.95
CA ARG A 142 5.99 -29.88 8.13
C ARG A 142 6.72 -29.97 6.81
N CYS A 143 5.96 -30.44 5.83
CA CYS A 143 6.50 -30.67 4.52
C CYS A 143 6.98 -29.34 3.94
N PHE A 144 6.01 -28.43 3.71
CA PHE A 144 6.34 -27.07 3.23
C PHE A 144 7.39 -26.31 4.07
N PHE A 145 7.35 -26.51 5.39
CA PHE A 145 8.03 -25.68 6.29
C PHE A 145 9.58 -25.93 6.23
N GLY A 146 9.95 -27.20 5.97
CA GLY A 146 11.34 -27.61 5.88
C GLY A 146 11.91 -27.19 4.55
N GLN A 147 11.00 -27.28 3.55
CA GLN A 147 11.25 -26.75 2.20
C GLN A 147 11.68 -25.29 2.32
N VAL A 148 10.76 -24.49 2.88
CA VAL A 148 10.99 -23.08 3.12
C VAL A 148 12.28 -22.76 3.88
N VAL A 149 12.57 -23.49 4.96
CA VAL A 149 13.74 -23.20 5.76
C VAL A 149 15.03 -23.43 4.95
N ALA A 150 15.03 -24.46 4.10
CA ALA A 150 16.21 -24.81 3.30
C ALA A 150 16.40 -23.76 2.20
N ALA A 151 15.27 -23.39 1.58
CA ALA A 151 15.25 -22.23 0.69
C ALA A 151 16.05 -21.07 1.35
N ILE A 152 15.50 -20.52 2.45
CA ILE A 152 16.17 -19.45 3.18
C ILE A 152 17.62 -19.76 3.51
N GLN A 153 17.87 -20.95 4.03
CA GLN A 153 19.18 -21.39 4.41
C GLN A 153 20.23 -21.08 3.32
N HIS A 154 19.84 -21.42 2.10
CA HIS A 154 20.65 -21.20 0.90
C HIS A 154 20.95 -19.72 0.69
N CYS A 155 19.88 -18.91 0.68
CA CYS A 155 20.00 -17.48 0.49
C CYS A 155 21.06 -16.96 1.43
N HIS A 156 20.96 -17.35 2.69
CA HIS A 156 21.92 -16.91 3.68
C HIS A 156 23.35 -17.29 3.28
N SER A 157 23.54 -18.52 2.79
CA SER A 157 24.87 -18.93 2.30
C SER A 157 25.34 -18.01 1.20
N ARG A 158 24.42 -17.58 0.33
CA ARG A 158 24.75 -16.63 -0.74
C ARG A 158 25.03 -15.23 -0.19
N GLY A 159 24.36 -14.90 0.91
CA GLY A 159 24.52 -13.62 1.58
C GLY A 159 23.33 -12.72 1.35
N VAL A 160 22.18 -13.33 1.10
CA VAL A 160 20.96 -12.62 0.84
C VAL A 160 20.01 -12.91 1.99
N VAL A 161 19.19 -11.93 2.35
CA VAL A 161 18.15 -12.06 3.37
C VAL A 161 16.86 -11.66 2.70
N HIS A 162 15.81 -12.47 2.85
CA HIS A 162 14.59 -12.20 2.13
C HIS A 162 13.81 -11.05 2.77
N ARG A 163 13.87 -11.00 4.11
CA ARG A 163 13.23 -9.95 4.91
C ARG A 163 11.71 -9.80 4.76
N ASP A 164 11.01 -10.71 4.10
CA ASP A 164 9.52 -10.64 4.08
C ASP A 164 8.90 -12.00 3.79
N ILE A 165 9.27 -12.97 4.62
CA ILE A 165 8.77 -14.33 4.52
C ILE A 165 7.37 -14.25 5.07
N LYS A 166 6.39 -14.64 4.27
CA LYS A 166 5.03 -14.72 4.70
C LYS A 166 4.25 -15.52 3.67
N ASP A 167 3.03 -15.90 4.00
CA ASP A 167 2.26 -16.85 3.19
C ASP A 167 2.18 -16.46 1.74
N GLU A 168 1.99 -15.16 1.47
CA GLU A 168 1.97 -14.65 0.10
C GLU A 168 3.25 -14.91 -0.69
N ASN A 169 4.39 -14.84 -0.01
CA ASN A 169 5.68 -14.95 -0.68
C ASN A 169 6.28 -16.35 -0.64
N ILE A 170 5.41 -17.35 -0.52
CA ILE A 170 5.78 -18.73 -0.71
C ILE A 170 4.86 -19.27 -1.78
N LEU A 171 5.47 -19.67 -2.90
CA LEU A 171 4.70 -20.12 -4.06
C LEU A 171 4.64 -21.64 -4.13
N ILE A 172 3.41 -22.16 -4.19
CA ILE A 172 3.13 -23.59 -4.22
C ILE A 172 3.03 -24.03 -5.68
N ASP A 173 3.93 -24.92 -6.11
CA ASP A 173 3.79 -25.57 -7.42
C ASP A 173 2.87 -26.73 -7.16
N LEU A 174 1.64 -26.60 -7.65
CA LEU A 174 0.61 -27.57 -7.37
C LEU A 174 0.91 -28.96 -7.95
N ARG A 175 1.69 -29.03 -9.02
CA ARG A 175 1.89 -30.31 -9.67
C ARG A 175 2.98 -31.09 -8.92
N ARG A 176 3.97 -30.39 -8.39
CA ARG A 176 5.09 -31.01 -7.71
C ARG A 176 5.05 -30.86 -6.17
N GLY A 177 3.95 -30.33 -5.64
CA GLY A 177 3.84 -30.00 -4.21
C GLY A 177 5.12 -29.43 -3.63
N CYS A 178 5.61 -28.35 -4.24
CA CYS A 178 6.95 -27.83 -3.96
C CYS A 178 6.89 -26.32 -3.66
N ALA A 179 7.10 -25.95 -2.41
CA ALA A 179 7.06 -24.54 -2.03
C ALA A 179 8.36 -23.78 -2.41
N LYS A 180 8.16 -22.58 -2.96
CA LYS A 180 9.19 -21.78 -3.58
C LYS A 180 9.08 -20.34 -3.11
N LEU A 181 10.24 -19.81 -2.71
CA LEU A 181 10.38 -18.50 -2.12
C LEU A 181 10.37 -17.39 -3.18
N ILE A 182 9.35 -16.53 -3.21
CA ILE A 182 9.30 -15.44 -4.21
C ILE A 182 9.49 -14.06 -3.62
N ASP A 183 9.76 -13.09 -4.49
CA ASP A 183 9.77 -11.65 -4.19
C ASP A 183 10.88 -11.17 -3.26
N PHE A 184 11.99 -10.78 -3.85
CA PHE A 184 13.10 -10.23 -3.09
C PHE A 184 13.10 -8.70 -3.18
N GLY A 185 11.90 -8.12 -3.34
CA GLY A 185 11.74 -6.68 -3.46
C GLY A 185 12.20 -5.93 -2.23
N SER A 186 11.92 -6.49 -1.06
CA SER A 186 12.28 -5.88 0.22
C SER A 186 13.52 -6.52 0.86
N GLY A 187 14.09 -7.51 0.20
CA GLY A 187 15.23 -8.23 0.75
C GLY A 187 16.47 -7.36 0.69
N ALA A 188 17.54 -7.82 1.34
CA ALA A 188 18.82 -7.11 1.34
C ALA A 188 19.97 -8.03 1.69
N LEU A 189 21.20 -7.52 1.51
CA LEU A 189 22.42 -8.31 1.76
C LEU A 189 22.61 -8.58 3.24
N LEU A 190 22.80 -9.84 3.60
CA LEU A 190 23.09 -10.22 4.98
C LEU A 190 24.45 -9.64 5.43
N HIS A 191 24.47 -9.14 6.67
CA HIS A 191 25.73 -8.78 7.35
C HIS A 191 25.60 -8.79 8.88
N ASP A 192 26.75 -8.65 9.54
CA ASP A 192 26.81 -8.55 11.00
C ASP A 192 25.92 -7.40 11.52
N GLU A 193 26.09 -6.22 10.92
CA GLU A 193 25.33 -5.01 11.28
C GLU A 193 23.81 -5.22 11.05
N PRO A 194 22.98 -4.66 11.95
CA PRO A 194 21.56 -4.89 11.88
C PRO A 194 20.88 -3.90 10.95
N TYR A 195 19.58 -4.10 10.76
CA TYR A 195 18.83 -3.36 9.76
C TYR A 195 17.87 -2.43 10.47
N THR A 196 17.66 -1.26 9.90
CA THR A 196 16.87 -0.22 10.55
C THR A 196 15.71 0.21 9.66
N ASP A 197 15.20 -0.73 8.87
CA ASP A 197 14.13 -0.46 7.92
C ASP A 197 13.35 -1.74 7.71
N PHE A 198 12.04 -1.62 7.65
CA PHE A 198 11.16 -2.79 7.54
C PHE A 198 9.97 -2.46 6.65
N ASP A 199 9.81 -3.24 5.57
CA ASP A 199 8.78 -2.99 4.57
C ASP A 199 7.52 -3.78 4.89
N GLY A 200 7.64 -4.77 5.76
CA GLY A 200 6.53 -5.64 6.07
C GLY A 200 5.38 -4.90 6.73
N THR A 201 4.28 -5.60 6.92
CA THR A 201 3.12 -5.10 7.60
C THR A 201 3.39 -5.11 9.11
N ARG A 202 2.69 -4.26 9.87
CA ARG A 202 2.86 -4.20 11.32
C ARG A 202 2.76 -5.59 11.97
N VAL A 203 1.60 -6.22 11.78
CA VAL A 203 1.34 -7.52 12.41
C VAL A 203 2.45 -8.56 12.17
N TYR A 204 3.14 -8.46 11.03
CA TYR A 204 4.21 -9.40 10.75
C TYR A 204 5.53 -9.01 11.40
N SER A 205 5.64 -7.79 11.92
CA SER A 205 6.92 -7.29 12.40
C SER A 205 7.36 -7.95 13.72
N PRO A 206 8.67 -8.07 13.91
CA PRO A 206 9.19 -8.70 15.12
C PRO A 206 9.21 -7.71 16.28
N PRO A 207 9.14 -8.22 17.52
CA PRO A 207 9.06 -7.36 18.69
C PRO A 207 10.22 -6.36 18.82
N GLU A 208 11.42 -6.77 18.45
CA GLU A 208 12.58 -5.87 18.48
C GLU A 208 12.50 -4.75 17.45
N TRP A 209 11.71 -4.93 16.40
CA TRP A 209 11.42 -3.80 15.48
C TRP A 209 10.43 -2.82 16.12
N ILE A 210 9.33 -3.36 16.65
CA ILE A 210 8.35 -2.54 17.38
C ILE A 210 9.07 -1.77 18.48
N SER A 211 9.93 -2.47 19.21
CA SER A 211 10.56 -1.99 20.43
C SER A 211 11.68 -0.99 20.20
N ARG A 212 12.51 -1.24 19.20
CA ARG A 212 13.74 -0.44 19.02
C ARG A 212 14.00 0.06 17.60
N HIS A 213 13.10 -0.19 16.65
CA HIS A 213 13.39 0.06 15.25
C HIS A 213 14.79 -0.52 14.85
N GLN A 214 15.07 -1.74 15.29
CA GLN A 214 16.32 -2.44 14.91
C GLN A 214 16.14 -3.95 15.01
N TYR A 215 16.77 -4.67 14.08
CA TYR A 215 16.71 -6.13 14.03
C TYR A 215 17.86 -6.74 13.22
N HIS A 216 18.37 -7.88 13.68
CA HIS A 216 19.35 -8.67 12.94
C HIS A 216 18.63 -9.66 12.00
N ALA A 217 19.33 -10.10 10.96
CA ALA A 217 18.71 -10.88 9.88
C ALA A 217 18.15 -12.18 10.38
N LEU A 218 19.03 -13.00 10.96
CA LEU A 218 18.65 -14.35 11.35
C LEU A 218 17.48 -14.38 12.34
N PRO A 219 17.61 -13.67 13.47
CA PRO A 219 16.59 -13.76 14.49
C PRO A 219 15.27 -13.20 14.01
N ALA A 220 15.32 -12.23 13.11
CA ALA A 220 14.09 -11.71 12.52
C ALA A 220 13.49 -12.74 11.55
N THR A 221 14.35 -13.40 10.79
CA THR A 221 13.94 -14.44 9.86
C THR A 221 13.23 -15.57 10.64
N VAL A 222 13.84 -15.98 11.76
CA VAL A 222 13.26 -17.06 12.56
C VAL A 222 11.86 -16.68 13.04
N TRP A 223 11.75 -15.44 13.58
CA TRP A 223 10.43 -14.89 13.95
C TRP A 223 9.42 -15.11 12.81
N SER A 224 9.77 -14.66 11.61
CA SER A 224 8.88 -14.75 10.44
C SER A 224 8.44 -16.17 10.15
N LEU A 225 9.41 -17.08 10.19
CA LEU A 225 9.13 -18.51 10.09
C LEU A 225 8.16 -18.92 11.20
N GLY A 226 8.45 -18.46 12.42
CA GLY A 226 7.56 -18.62 13.55
C GLY A 226 6.14 -18.28 13.13
N ILE A 227 5.97 -17.05 12.64
CA ILE A 227 4.64 -16.58 12.23
C ILE A 227 4.11 -17.46 11.10
N LEU A 228 5.02 -17.77 10.18
CA LEU A 228 4.70 -18.55 9.00
C LEU A 228 4.13 -19.89 9.43
N LEU A 229 4.90 -20.61 10.26
CA LEU A 229 4.48 -21.93 10.75
C LEU A 229 3.10 -21.81 11.39
N TYR A 230 2.92 -20.81 12.26
CA TYR A 230 1.65 -20.62 12.95
C TYR A 230 0.51 -20.49 11.95
N ASP A 231 0.75 -19.69 10.90
CA ASP A 231 -0.21 -19.41 9.83
C ASP A 231 -0.72 -20.70 9.17
N MET A 232 0.26 -21.54 8.80
CA MET A 232 0.02 -22.78 8.09
C MET A 232 -0.87 -23.70 8.88
N VAL A 233 -0.39 -24.06 10.07
CA VAL A 233 -1.09 -25.01 10.92
C VAL A 233 -2.38 -24.43 11.48
N CYS A 234 -2.42 -23.12 11.75
CA CYS A 234 -3.59 -22.53 12.39
C CYS A 234 -4.62 -21.93 11.47
N GLY A 235 -4.23 -21.50 10.27
CA GLY A 235 -5.18 -20.88 9.32
C GLY A 235 -5.28 -19.36 9.42
N ASP A 236 -4.38 -18.74 10.19
CA ASP A 236 -4.30 -17.29 10.34
C ASP A 236 -3.14 -16.95 11.24
N ILE A 237 -2.66 -15.72 11.14
CA ILE A 237 -1.52 -15.24 11.90
C ILE A 237 -1.86 -15.13 13.39
N PRO A 238 -0.82 -15.16 14.26
CA PRO A 238 -1.03 -15.17 15.70
C PRO A 238 -1.40 -13.81 16.32
N PHE A 239 -0.66 -12.77 15.96
CA PHE A 239 -0.79 -11.47 16.60
C PHE A 239 -1.50 -10.42 15.75
N GLU A 240 -2.29 -9.56 16.40
CA GLU A 240 -2.95 -8.43 15.75
C GLU A 240 -2.33 -7.12 16.26
N ARG A 241 -2.23 -6.97 17.57
CA ARG A 241 -1.86 -5.70 18.21
C ARG A 241 -0.44 -5.77 18.77
N ASP A 242 0.13 -4.59 19.00
CA ASP A 242 1.53 -4.46 19.37
C ASP A 242 1.84 -5.07 20.74
N GLN A 243 0.89 -4.95 21.66
CA GLN A 243 1.00 -5.56 22.99
C GLN A 243 1.29 -7.05 22.86
N GLU A 244 0.54 -7.70 21.97
CA GLU A 244 0.67 -9.15 21.77
C GLU A 244 1.99 -9.57 21.15
N ILE A 245 2.47 -8.77 20.20
CA ILE A 245 3.73 -9.10 19.52
C ILE A 245 4.92 -9.02 20.46
N LEU A 246 5.00 -7.93 21.22
CA LEU A 246 6.07 -7.73 22.19
C LEU A 246 5.93 -8.64 23.41
N GLU A 247 4.70 -9.12 23.68
CA GLU A 247 4.45 -10.10 24.73
C GLU A 247 4.58 -11.53 24.24
N ALA A 248 4.47 -11.74 22.93
CA ALA A 248 4.45 -13.08 22.33
C ALA A 248 3.28 -13.90 22.88
N GLU A 249 2.19 -13.21 23.22
CA GLU A 249 1.03 -13.87 23.79
C GLU A 249 0.44 -14.82 22.75
N LEU A 250 0.72 -16.11 22.91
CA LEU A 250 0.23 -17.17 22.00
C LEU A 250 -0.88 -18.01 22.62
N HIS A 251 -2.04 -18.03 21.96
CA HIS A 251 -3.14 -18.91 22.35
C HIS A 251 -3.42 -19.86 21.20
N PHE A 252 -2.97 -21.10 21.35
CA PHE A 252 -3.07 -22.12 20.30
C PHE A 252 -4.45 -22.72 20.28
N PRO A 253 -4.95 -23.06 19.09
CA PRO A 253 -6.17 -23.81 19.03
C PRO A 253 -5.95 -25.27 19.43
N ALA A 254 -7.05 -26.00 19.62
CA ALA A 254 -7.05 -27.32 20.19
C ALA A 254 -6.26 -28.35 19.42
N HIS A 255 -6.14 -28.19 18.10
CA HIS A 255 -5.51 -29.22 17.27
C HIS A 255 -4.01 -29.10 17.09
N VAL A 256 -3.39 -28.02 17.52
CA VAL A 256 -1.95 -27.91 17.36
C VAL A 256 -1.25 -28.89 18.33
N SER A 257 -0.54 -29.87 17.80
CA SER A 257 0.16 -30.84 18.65
C SER A 257 1.09 -30.13 19.62
N PRO A 258 1.20 -30.65 20.86
CA PRO A 258 2.16 -30.10 21.81
C PRO A 258 3.49 -29.89 21.16
N ASP A 259 3.91 -30.87 20.38
CA ASP A 259 5.26 -30.83 19.80
C ASP A 259 5.38 -29.66 18.84
N CYS A 260 4.31 -29.43 18.09
CA CYS A 260 4.23 -28.28 17.19
C CYS A 260 4.34 -26.92 17.95
N CYS A 261 3.30 -26.64 18.76
CA CYS A 261 3.26 -25.50 19.66
C CYS A 261 4.65 -25.17 20.16
N ALA A 262 5.30 -26.20 20.70
CA ALA A 262 6.61 -26.04 21.29
C ALA A 262 7.58 -25.30 20.38
N LEU A 263 7.60 -25.66 19.09
CA LEU A 263 8.50 -25.05 18.09
C LEU A 263 8.07 -23.62 17.74
N ILE A 264 6.76 -23.43 17.52
CA ILE A 264 6.23 -22.09 17.29
C ILE A 264 6.71 -21.13 18.41
N ARG A 265 6.57 -21.57 19.66
CA ARG A 265 6.90 -20.74 20.83
C ARG A 265 8.41 -20.54 20.91
N ARG A 266 9.15 -21.56 20.49
CA ARG A 266 10.58 -21.42 20.35
C ARG A 266 10.90 -20.28 19.40
N CYS A 267 10.21 -20.26 18.25
CA CYS A 267 10.50 -19.29 17.19
C CYS A 267 9.96 -17.92 17.52
N LEU A 268 8.80 -17.85 18.17
CA LEU A 268 8.19 -16.59 18.59
C LEU A 268 8.61 -16.20 20.00
N ALA A 269 9.92 -16.22 20.24
CA ALA A 269 10.46 -15.83 21.53
C ALA A 269 10.64 -14.32 21.45
N PRO A 270 10.15 -13.58 22.46
CA PRO A 270 10.34 -12.13 22.42
C PRO A 270 11.82 -11.74 22.39
N LYS A 271 12.62 -12.34 23.26
CA LYS A 271 14.06 -12.08 23.23
C LYS A 271 14.61 -12.72 21.96
N PRO A 272 15.35 -11.93 21.15
CA PRO A 272 15.98 -12.49 19.95
C PRO A 272 16.97 -13.60 20.25
N SER A 273 17.84 -13.38 21.24
CA SER A 273 18.77 -14.42 21.65
C SER A 273 18.06 -15.76 21.94
N SER A 274 16.94 -15.71 22.66
CA SER A 274 16.20 -16.94 23.02
C SER A 274 15.85 -17.81 21.80
N ARG A 275 15.71 -17.19 20.64
CA ARG A 275 15.23 -17.88 19.43
C ARG A 275 16.21 -18.89 18.86
N PRO A 276 15.71 -19.97 18.23
CA PRO A 276 16.56 -20.97 17.64
C PRO A 276 17.17 -20.47 16.36
N SER A 277 18.10 -21.25 15.83
CA SER A 277 18.68 -20.98 14.53
C SER A 277 18.15 -22.01 13.55
N LEU A 278 18.30 -21.66 12.28
CA LEU A 278 17.84 -22.44 11.16
C LEU A 278 18.12 -23.93 11.28
N GLU A 279 19.37 -24.22 11.48
CA GLU A 279 19.87 -25.55 11.72
C GLU A 279 19.09 -26.28 12.83
N GLU A 280 18.78 -25.57 13.92
CA GLU A 280 18.16 -26.15 15.11
C GLU A 280 16.66 -26.39 14.87
N ILE A 281 16.07 -25.55 14.05
CA ILE A 281 14.72 -25.70 13.69
C ILE A 281 14.62 -27.03 12.95
N LEU A 282 15.70 -27.36 12.25
CA LEU A 282 15.68 -28.56 11.41
C LEU A 282 15.77 -29.79 12.27
N LEU A 283 16.60 -29.72 13.29
CA LEU A 283 16.65 -30.81 14.28
C LEU A 283 15.38 -30.92 15.16
N ASP A 284 14.68 -29.82 15.38
CA ASP A 284 13.52 -29.85 16.27
C ASP A 284 12.59 -31.09 16.06
N PRO A 285 12.32 -31.84 17.15
CA PRO A 285 11.42 -32.97 17.24
C PRO A 285 10.17 -32.97 16.39
N TRP A 286 9.54 -31.81 16.16
CA TRP A 286 8.32 -31.80 15.32
C TRP A 286 8.72 -31.95 13.86
N MET A 287 9.88 -31.40 13.53
CA MET A 287 10.33 -31.39 12.16
C MET A 287 10.70 -32.80 11.62
N GLN A 288 11.11 -33.70 12.51
CA GLN A 288 11.28 -35.13 12.21
C GLN A 288 9.91 -35.95 12.07
N THR A 289 9.62 -36.44 10.85
CA THR A 289 8.89 -37.71 10.56
C THR A 289 7.44 -37.65 10.03
N GLY B 23 -7.80 13.51 -27.56
CA GLY B 23 -6.68 12.54 -27.32
C GLY B 23 -5.49 12.78 -28.27
N LYS B 24 -5.39 13.97 -28.86
CA LYS B 24 -4.51 14.20 -30.00
C LYS B 24 -3.06 14.59 -29.63
N ASP B 25 -2.25 14.85 -30.67
CA ASP B 25 -0.82 15.12 -30.51
C ASP B 25 -0.53 16.57 -30.10
N ARG B 26 0.75 16.86 -29.86
CA ARG B 26 1.21 18.21 -29.50
C ARG B 26 1.03 19.23 -30.64
N GLU B 27 0.93 18.74 -31.88
CA GLU B 27 0.50 19.58 -32.99
C GLU B 27 -0.90 20.12 -32.69
N ALA B 28 -1.81 19.20 -32.33
CA ALA B 28 -3.18 19.55 -31.94
C ALA B 28 -3.21 20.46 -30.70
N PHE B 29 -2.37 20.16 -29.73
CA PHE B 29 -2.31 20.96 -28.49
C PHE B 29 -1.85 22.38 -28.76
N GLU B 30 -0.76 22.50 -29.51
CA GLU B 30 -0.20 23.82 -29.84
C GLU B 30 -1.27 24.71 -30.48
N ALA B 31 -2.13 24.12 -31.30
CA ALA B 31 -3.17 24.85 -32.01
C ALA B 31 -4.45 25.12 -31.21
N GLU B 32 -4.52 24.69 -29.95
CA GLU B 32 -5.72 24.93 -29.15
C GLU B 32 -5.49 25.69 -27.82
N TYR B 33 -4.34 25.46 -27.17
CA TYR B 33 -4.04 26.04 -25.85
C TYR B 33 -2.64 26.66 -25.84
N ARG B 34 -2.30 27.43 -24.81
CA ARG B 34 -0.94 27.98 -24.67
C ARG B 34 -0.49 27.84 -23.23
N LEU B 35 0.66 27.22 -22.99
CA LEU B 35 1.16 27.08 -21.61
C LEU B 35 1.60 28.46 -21.09
N GLY B 36 1.49 28.66 -19.78
CA GLY B 36 1.84 29.92 -19.14
C GLY B 36 2.80 29.67 -17.99
N PRO B 37 2.66 30.45 -16.91
CA PRO B 37 3.56 30.28 -15.77
C PRO B 37 3.28 29.01 -14.97
N LEU B 38 4.32 28.48 -14.32
CA LEU B 38 4.21 27.28 -13.51
C LEU B 38 3.31 27.59 -12.34
N LEU B 39 2.70 26.56 -11.74
CA LEU B 39 1.93 26.72 -10.52
C LEU B 39 2.55 25.87 -9.41
N GLY B 40 2.75 24.59 -9.69
CA GLY B 40 3.43 23.69 -8.76
C GLY B 40 4.00 22.47 -9.46
N LYS B 41 5.07 21.93 -8.89
CA LYS B 41 5.73 20.73 -9.43
C LYS B 41 5.77 19.62 -8.36
N GLY B 42 6.02 18.39 -8.79
CA GLY B 42 6.15 17.25 -7.87
C GLY B 42 5.86 15.90 -8.50
N GLY B 43 5.66 14.89 -7.66
CA GLY B 43 5.36 13.53 -8.12
C GLY B 43 4.02 13.42 -8.84
N PHE B 44 3.10 14.32 -8.49
CA PHE B 44 1.83 14.46 -9.20
C PHE B 44 1.97 14.97 -10.65
N GLY B 45 3.21 15.11 -11.12
CA GLY B 45 3.48 15.70 -12.43
C GLY B 45 3.79 17.17 -12.28
N THR B 46 3.40 17.97 -13.28
CA THR B 46 3.66 19.41 -13.24
C THR B 46 2.49 20.18 -13.83
N VAL B 47 1.93 21.09 -13.03
CA VAL B 47 0.74 21.85 -13.40
C VAL B 47 1.12 23.27 -13.81
N PHE B 48 0.93 23.60 -15.07
CA PHE B 48 1.14 24.96 -15.57
C PHE B 48 -0.19 25.70 -15.71
N ALA B 49 -0.16 27.01 -15.51
CA ALA B 49 -1.30 27.87 -15.85
C ALA B 49 -1.31 28.02 -17.35
N GLY B 50 -2.46 28.35 -17.90
CA GLY B 50 -2.57 28.52 -19.34
C GLY B 50 -3.95 28.99 -19.71
N HIS B 51 -4.21 29.08 -21.01
CA HIS B 51 -5.51 29.52 -21.46
C HIS B 51 -5.91 28.87 -22.79
N ARG B 52 -7.21 28.83 -23.03
CA ARG B 52 -7.77 28.30 -24.25
C ARG B 52 -7.82 29.42 -25.27
N LEU B 53 -7.16 29.24 -26.41
CA LEU B 53 -6.96 30.31 -27.39
C LEU B 53 -8.26 30.99 -27.85
N THR B 54 -9.28 30.20 -28.19
CA THR B 54 -10.52 30.73 -28.80
C THR B 54 -11.32 31.66 -27.87
N ASP B 55 -11.64 31.18 -26.67
CA ASP B 55 -12.48 31.90 -25.71
C ASP B 55 -11.70 32.65 -24.62
N ARG B 56 -10.37 32.51 -24.62
CA ARG B 56 -9.51 33.08 -23.57
C ARG B 56 -9.85 32.60 -22.14
N LEU B 57 -10.35 31.38 -22.02
CA LEU B 57 -10.69 30.79 -20.73
C LEU B 57 -9.42 30.35 -20.02
N GLN B 58 -9.36 30.58 -18.71
CA GLN B 58 -8.21 30.20 -17.88
C GLN B 58 -8.29 28.73 -17.55
N VAL B 59 -7.26 27.97 -17.93
CA VAL B 59 -7.21 26.54 -17.61
C VAL B 59 -5.89 26.19 -16.92
N ALA B 60 -5.82 24.95 -16.43
CA ALA B 60 -4.59 24.39 -15.85
C ALA B 60 -4.17 23.19 -16.69
N ILE B 61 -2.89 23.13 -17.06
CA ILE B 61 -2.37 22.05 -17.87
C ILE B 61 -1.45 21.20 -17.01
N LYS B 62 -1.95 20.03 -16.61
CA LYS B 62 -1.19 19.10 -15.78
C LYS B 62 -0.41 18.17 -16.71
N VAL B 63 0.91 18.16 -16.58
CA VAL B 63 1.78 17.37 -17.44
C VAL B 63 2.29 16.15 -16.69
N ILE B 64 2.01 14.97 -17.25
CA ILE B 64 2.41 13.70 -16.66
C ILE B 64 3.36 12.92 -17.59
N PRO B 65 4.54 12.52 -17.07
CA PRO B 65 5.41 11.54 -17.75
C PRO B 65 4.73 10.20 -18.05
N ARG B 66 5.23 9.48 -19.04
CA ARG B 66 4.69 8.17 -19.41
C ARG B 66 5.09 7.11 -18.38
N THR B 80 -6.61 3.37 -24.64
CA THR B 80 -5.55 3.21 -23.64
C THR B 80 -5.06 4.58 -23.16
N CYS B 81 -5.98 5.33 -22.58
CA CYS B 81 -5.66 6.59 -21.93
C CYS B 81 -5.21 6.32 -20.50
N PRO B 82 -4.57 7.30 -19.85
CA PRO B 82 -4.23 7.14 -18.43
C PRO B 82 -5.46 6.94 -17.56
N LEU B 83 -5.31 6.17 -16.49
CA LEU B 83 -6.42 5.91 -15.56
C LEU B 83 -7.07 7.23 -15.11
N GLU B 84 -6.23 8.19 -14.74
CA GLU B 84 -6.70 9.50 -14.31
C GLU B 84 -7.68 10.14 -15.28
N VAL B 85 -7.44 10.01 -16.58
CA VAL B 85 -8.39 10.55 -17.55
C VAL B 85 -9.69 9.78 -17.46
N ALA B 86 -9.57 8.45 -17.50
CA ALA B 86 -10.74 7.59 -17.40
C ALA B 86 -11.61 7.99 -16.23
N LEU B 87 -10.97 8.22 -15.09
CA LEU B 87 -11.66 8.57 -13.84
C LEU B 87 -12.33 9.93 -13.95
N LEU B 88 -11.58 10.93 -14.39
CA LEU B 88 -12.13 12.27 -14.50
C LEU B 88 -13.32 12.34 -15.46
N TRP B 89 -13.31 11.53 -16.52
CA TRP B 89 -14.43 11.55 -17.48
C TRP B 89 -15.68 10.98 -16.83
N LYS B 90 -15.52 9.91 -16.05
CA LYS B 90 -16.64 9.30 -15.35
C LYS B 90 -17.21 10.29 -14.35
N VAL B 91 -16.32 10.93 -13.60
CA VAL B 91 -16.70 11.92 -12.60
C VAL B 91 -17.31 13.18 -13.26
N GLY B 92 -16.74 13.58 -14.39
CA GLY B 92 -17.19 14.77 -15.11
C GLY B 92 -18.40 14.60 -16.03
N ALA B 93 -18.91 13.37 -16.14
CA ALA B 93 -20.11 13.09 -16.94
C ALA B 93 -21.30 13.91 -16.42
N GLY B 94 -22.10 14.45 -17.33
CA GLY B 94 -23.19 15.35 -16.94
C GLY B 94 -22.62 16.64 -16.38
N GLY B 95 -22.24 16.61 -15.10
CA GLY B 95 -21.59 17.75 -14.45
C GLY B 95 -21.02 17.35 -13.09
N GLY B 96 -19.90 17.96 -12.72
CA GLY B 96 -19.20 17.66 -11.46
C GLY B 96 -20.01 17.93 -10.21
N HIS B 97 -19.40 17.67 -9.06
CA HIS B 97 -20.13 17.52 -7.82
C HIS B 97 -20.64 18.78 -7.13
N PRO B 98 -20.44 19.99 -7.68
CA PRO B 98 -19.37 20.54 -8.51
C PRO B 98 -18.18 21.01 -7.68
N GLY B 99 -17.85 20.24 -6.64
CA GLY B 99 -16.64 20.42 -5.90
C GLY B 99 -15.65 19.40 -6.41
N VAL B 100 -15.65 19.20 -7.73
CA VAL B 100 -14.68 18.36 -8.40
C VAL B 100 -14.27 19.07 -9.67
N ILE B 101 -12.96 19.26 -9.83
CA ILE B 101 -12.44 19.90 -11.03
C ILE B 101 -12.71 19.02 -12.23
N ARG B 102 -13.05 19.65 -13.35
CA ARG B 102 -13.41 18.94 -14.58
C ARG B 102 -12.24 18.91 -15.55
N LEU B 103 -12.04 17.75 -16.19
CA LEU B 103 -11.06 17.62 -17.26
C LEU B 103 -11.65 18.15 -18.57
N LEU B 104 -11.01 19.15 -19.17
CA LEU B 104 -11.54 19.77 -20.39
C LEU B 104 -11.07 19.04 -21.64
N ASP B 105 -9.87 18.46 -21.58
CA ASP B 105 -9.29 17.77 -22.74
C ASP B 105 -7.99 17.10 -22.32
N TRP B 106 -7.50 16.17 -23.12
CA TRP B 106 -6.19 15.58 -22.87
C TRP B 106 -5.44 15.27 -24.16
N PHE B 107 -4.11 15.30 -24.08
CA PHE B 107 -3.23 15.21 -25.24
C PHE B 107 -2.08 14.24 -25.01
N GLU B 108 -1.57 13.65 -26.10
CA GLU B 108 -0.49 12.65 -26.03
C GLU B 108 0.84 13.23 -26.49
N PHE B 113 1.97 12.95 -21.69
CA PHE B 113 0.56 13.26 -21.43
C PHE B 113 0.33 14.66 -20.86
N MET B 114 -0.66 15.37 -21.42
CA MET B 114 -1.02 16.70 -20.94
C MET B 114 -2.54 16.82 -20.79
N LEU B 115 -2.97 17.00 -19.55
CA LEU B 115 -4.38 17.13 -19.18
C LEU B 115 -4.76 18.58 -18.95
N VAL B 116 -5.64 19.10 -19.79
CA VAL B 116 -6.17 20.45 -19.59
C VAL B 116 -7.40 20.35 -18.69
N LEU B 117 -7.31 20.93 -17.51
CA LEU B 117 -8.39 20.94 -16.52
C LEU B 117 -8.84 22.37 -16.28
N GLU B 118 -10.01 22.54 -15.67
CA GLU B 118 -10.50 23.88 -15.36
C GLU B 118 -9.68 24.49 -14.24
N ARG B 119 -9.55 25.81 -14.28
CA ARG B 119 -8.68 26.54 -13.36
C ARG B 119 -9.46 27.74 -12.85
N PRO B 120 -9.97 27.67 -11.61
CA PRO B 120 -10.58 28.88 -11.08
C PRO B 120 -9.53 29.96 -10.79
N LEU B 121 -9.88 31.20 -11.06
CA LEU B 121 -9.02 32.33 -10.75
C LEU B 121 -9.90 33.32 -9.96
N PRO B 122 -9.45 33.72 -8.76
CA PRO B 122 -8.23 33.32 -8.03
C PRO B 122 -8.41 31.98 -7.36
N ALA B 123 -7.36 31.17 -7.30
CA ALA B 123 -7.39 29.88 -6.60
C ALA B 123 -6.21 29.72 -5.66
N GLN B 124 -6.36 28.79 -4.74
CA GLN B 124 -5.37 28.51 -3.72
C GLN B 124 -5.75 27.23 -3.00
N ASP B 125 -4.79 26.37 -2.73
CA ASP B 125 -5.10 25.10 -2.07
C ASP B 125 -5.16 25.27 -0.55
N LEU B 126 -5.98 24.43 0.06
CA LEU B 126 -6.19 24.50 1.49
C LEU B 126 -4.88 24.41 2.26
N PHE B 127 -3.94 23.61 1.80
CA PHE B 127 -2.62 23.58 2.44
C PHE B 127 -2.04 24.99 2.56
N ASP B 128 -2.00 25.70 1.44
CA ASP B 128 -1.39 27.04 1.41
C ASP B 128 -2.27 28.02 2.13
N TYR B 129 -3.58 27.79 2.11
CA TYR B 129 -4.49 28.68 2.83
C TYR B 129 -4.13 28.61 4.31
N ILE B 130 -4.24 27.41 4.89
CA ILE B 130 -3.87 27.19 6.28
C ILE B 130 -2.49 27.78 6.62
N THR B 131 -1.52 27.64 5.73
CA THR B 131 -0.17 28.12 5.99
C THR B 131 -0.10 29.63 6.17
N GLU B 132 -0.99 30.35 5.50
CA GLU B 132 -0.95 31.82 5.52
C GLU B 132 -1.93 32.43 6.53
N LYS B 133 -3.08 31.77 6.72
CA LYS B 133 -4.12 32.20 7.66
C LYS B 133 -4.20 31.34 8.95
N GLY B 134 -3.79 30.09 8.89
CA GLY B 134 -3.83 29.24 10.07
C GLY B 134 -5.15 28.50 10.07
N PRO B 135 -5.50 27.86 11.20
CA PRO B 135 -6.73 27.07 11.24
C PRO B 135 -7.93 27.85 10.78
N LEU B 136 -8.92 27.16 10.22
CA LEU B 136 -10.03 27.85 9.57
C LEU B 136 -11.09 28.45 10.50
N GLY B 137 -11.27 27.86 11.67
CA GLY B 137 -12.45 28.16 12.46
C GLY B 137 -13.48 27.11 12.08
N GLU B 138 -14.38 26.84 13.01
CA GLU B 138 -15.33 25.73 12.86
C GLU B 138 -16.48 26.10 11.93
N GLY B 139 -16.77 27.39 11.78
CA GLY B 139 -17.79 27.85 10.85
C GLY B 139 -17.37 27.50 9.43
N PRO B 140 -16.33 28.17 8.92
CA PRO B 140 -15.78 27.88 7.58
C PRO B 140 -15.31 26.43 7.38
N SER B 141 -14.75 25.79 8.41
CA SER B 141 -14.41 24.36 8.30
C SER B 141 -15.65 23.55 7.91
N ARG B 142 -16.70 23.70 8.70
CA ARG B 142 -17.99 23.06 8.42
C ARG B 142 -18.42 23.31 7.00
N CYS B 143 -18.15 24.52 6.54
CA CYS B 143 -18.57 24.93 5.22
C CYS B 143 -17.85 24.08 4.18
N PHE B 144 -16.52 24.18 4.12
CA PHE B 144 -15.75 23.41 3.13
C PHE B 144 -15.86 21.90 3.33
N PHE B 145 -16.02 21.46 4.57
CA PHE B 145 -15.98 20.03 4.86
C PHE B 145 -17.20 19.31 4.29
N GLY B 146 -18.35 19.97 4.31
CA GLY B 146 -19.57 19.40 3.75
C GLY B 146 -19.47 19.38 2.24
N GLN B 147 -18.89 20.44 1.69
CA GLN B 147 -18.62 20.52 0.26
C GLN B 147 -17.76 19.34 -0.17
N VAL B 148 -16.62 19.18 0.49
CA VAL B 148 -15.72 18.05 0.18
C VAL B 148 -16.40 16.68 0.24
N VAL B 149 -17.23 16.47 1.26
CA VAL B 149 -17.92 15.19 1.44
C VAL B 149 -18.88 14.93 0.30
N ALA B 150 -19.54 16.00 -0.17
CA ALA B 150 -20.46 15.88 -1.29
C ALA B 150 -19.69 15.57 -2.56
N ALA B 151 -18.60 16.30 -2.79
CA ALA B 151 -17.67 16.00 -3.90
C ALA B 151 -17.34 14.50 -3.95
N ILE B 152 -16.72 13.99 -2.89
CA ILE B 152 -16.43 12.56 -2.77
C ILE B 152 -17.65 11.70 -3.05
N GLN B 153 -18.76 11.99 -2.36
CA GLN B 153 -19.99 11.20 -2.49
C GLN B 153 -20.32 10.97 -3.94
N HIS B 154 -20.23 12.03 -4.73
CA HIS B 154 -20.52 11.98 -6.16
C HIS B 154 -19.57 11.03 -6.87
N CYS B 155 -18.28 11.18 -6.61
CA CYS B 155 -17.29 10.30 -7.22
C CYS B 155 -17.66 8.85 -6.99
N HIS B 156 -18.02 8.52 -5.75
CA HIS B 156 -18.39 7.16 -5.41
C HIS B 156 -19.61 6.69 -6.21
N SER B 157 -20.59 7.58 -6.41
CA SER B 157 -21.72 7.27 -7.29
C SER B 157 -21.24 6.88 -8.68
N ARG B 158 -20.27 7.62 -9.19
CA ARG B 158 -19.71 7.36 -10.52
C ARG B 158 -18.84 6.10 -10.50
N GLY B 159 -18.28 5.76 -9.34
CA GLY B 159 -17.50 4.55 -9.17
C GLY B 159 -16.01 4.82 -9.09
N VAL B 160 -15.66 6.05 -8.71
CA VAL B 160 -14.27 6.49 -8.57
C VAL B 160 -13.97 6.77 -7.11
N VAL B 161 -12.75 6.45 -6.70
CA VAL B 161 -12.25 6.72 -5.36
C VAL B 161 -11.03 7.60 -5.51
N HIS B 162 -10.97 8.70 -4.75
CA HIS B 162 -9.89 9.65 -4.93
C HIS B 162 -8.58 9.11 -4.35
N ARG B 163 -8.70 8.42 -3.22
CA ARG B 163 -7.58 7.76 -2.52
C ARG B 163 -6.43 8.67 -2.04
N ASP B 164 -6.59 10.00 -2.09
CA ASP B 164 -5.55 10.91 -1.60
C ASP B 164 -6.16 12.27 -1.21
N ILE B 165 -7.19 12.25 -0.38
CA ILE B 165 -7.84 13.46 0.08
C ILE B 165 -6.94 14.07 1.14
N LYS B 166 -6.46 15.26 0.89
CA LYS B 166 -5.68 15.98 1.88
C LYS B 166 -5.69 17.44 1.51
N ASP B 167 -5.17 18.28 2.39
CA ASP B 167 -5.40 19.73 2.21
C ASP B 167 -4.85 20.25 0.89
N GLU B 168 -3.73 19.70 0.41
CA GLU B 168 -3.19 20.07 -0.90
C GLU B 168 -4.16 19.79 -2.04
N ASN B 169 -4.94 18.72 -1.92
CA ASN B 169 -5.82 18.26 -3.00
C ASN B 169 -7.25 18.76 -2.88
N ILE B 170 -7.44 19.83 -2.11
CA ILE B 170 -8.70 20.57 -2.06
C ILE B 170 -8.39 21.99 -2.50
N LEU B 171 -8.99 22.43 -3.61
CA LEU B 171 -8.70 23.73 -4.18
C LEU B 171 -9.79 24.69 -3.79
N ILE B 172 -9.38 25.82 -3.20
CA ILE B 172 -10.30 26.87 -2.78
C ILE B 172 -10.42 27.91 -3.87
N ASP B 173 -11.64 28.02 -4.41
CA ASP B 173 -11.99 29.05 -5.34
C ASP B 173 -12.25 30.30 -4.51
N LEU B 174 -11.28 31.20 -4.43
CA LEU B 174 -11.34 32.29 -3.45
C LEU B 174 -12.45 33.30 -3.73
N ARG B 175 -12.89 33.38 -4.99
CA ARG B 175 -13.95 34.30 -5.37
C ARG B 175 -15.31 33.79 -4.89
N ARG B 176 -15.54 32.49 -5.04
CA ARG B 176 -16.84 31.88 -4.72
C ARG B 176 -16.81 31.07 -3.43
N GLY B 177 -15.73 31.17 -2.67
CA GLY B 177 -15.52 30.37 -1.46
C GLY B 177 -16.06 28.95 -1.63
N CYS B 178 -15.48 28.25 -2.61
CA CYS B 178 -15.99 26.93 -3.01
C CYS B 178 -14.89 25.91 -3.15
N ALA B 179 -14.87 24.91 -2.24
CA ALA B 179 -13.85 23.86 -2.24
C ALA B 179 -14.05 22.86 -3.38
N LYS B 180 -12.97 22.51 -4.07
CA LYS B 180 -13.01 21.63 -5.24
C LYS B 180 -11.92 20.57 -5.19
N LEU B 181 -12.30 19.32 -5.40
CA LEU B 181 -11.39 18.19 -5.28
C LEU B 181 -10.50 18.08 -6.52
N ILE B 182 -9.20 18.13 -6.32
CA ILE B 182 -8.28 18.02 -7.45
C ILE B 182 -7.35 16.79 -7.37
N ASP B 183 -6.77 16.42 -8.50
CA ASP B 183 -5.74 15.37 -8.63
C ASP B 183 -6.21 13.94 -8.38
N PHE B 184 -6.58 13.27 -9.46
CA PHE B 184 -6.99 11.87 -9.39
C PHE B 184 -5.86 10.95 -9.82
N GLY B 185 -4.61 11.43 -9.68
CA GLY B 185 -3.43 10.68 -10.11
C GLY B 185 -3.23 9.36 -9.39
N SER B 186 -3.58 9.31 -8.12
CA SER B 186 -3.46 8.08 -7.33
C SER B 186 -4.81 7.43 -7.04
N GLY B 187 -5.88 7.98 -7.60
CA GLY B 187 -7.21 7.41 -7.41
C GLY B 187 -7.40 6.13 -8.20
N ALA B 188 -8.52 5.44 -7.96
CA ALA B 188 -8.84 4.22 -8.69
C ALA B 188 -10.32 3.87 -8.60
N LEU B 189 -10.73 2.89 -9.39
CA LEU B 189 -12.12 2.46 -9.48
C LEU B 189 -12.62 1.82 -8.20
N LEU B 190 -13.75 2.28 -7.68
CA LEU B 190 -14.38 1.68 -6.51
C LEU B 190 -14.82 0.26 -6.80
N HIS B 191 -14.59 -0.63 -5.85
CA HIS B 191 -15.19 -1.96 -5.90
C HIS B 191 -15.24 -2.60 -4.51
N ASP B 192 -15.97 -3.72 -4.42
CA ASP B 192 -16.06 -4.52 -3.19
C ASP B 192 -14.68 -4.93 -2.69
N GLU B 193 -13.84 -5.43 -3.61
CA GLU B 193 -12.46 -5.81 -3.31
C GLU B 193 -11.58 -4.64 -2.82
N PRO B 194 -10.72 -4.90 -1.82
CA PRO B 194 -9.94 -3.85 -1.22
C PRO B 194 -8.68 -3.56 -2.02
N TYR B 195 -7.95 -2.53 -1.63
CA TYR B 195 -6.77 -2.07 -2.36
C TYR B 195 -5.53 -2.41 -1.57
N THR B 196 -4.46 -2.76 -2.26
CA THR B 196 -3.22 -3.18 -1.62
C THR B 196 -2.08 -2.29 -2.03
N ASP B 197 -2.40 -1.03 -2.31
CA ASP B 197 -1.44 -0.04 -2.80
C ASP B 197 -1.83 1.32 -2.26
N PHE B 198 -0.85 2.09 -1.80
CA PHE B 198 -1.11 3.39 -1.20
C PHE B 198 0.00 4.33 -1.59
N ASP B 199 -0.37 5.41 -2.26
CA ASP B 199 0.58 6.37 -2.81
C ASP B 199 0.79 7.53 -1.83
N GLY B 200 -0.11 7.68 -0.86
CA GLY B 200 -0.03 8.78 0.08
C GLY B 200 1.21 8.72 0.95
N THR B 201 1.43 9.76 1.74
CA THR B 201 2.55 9.75 2.69
C THR B 201 2.19 8.92 3.92
N ARG B 202 3.20 8.44 4.63
CA ARG B 202 2.93 7.55 5.77
C ARG B 202 1.97 8.19 6.79
N VAL B 203 2.29 9.39 7.25
CA VAL B 203 1.47 10.07 8.24
C VAL B 203 -0.01 10.11 7.86
N TYR B 204 -0.32 10.18 6.57
CA TYR B 204 -1.72 10.23 6.10
C TYR B 204 -2.40 8.85 6.03
N SER B 205 -1.60 7.78 6.11
CA SER B 205 -2.11 6.44 5.85
C SER B 205 -2.95 5.92 7.01
N PRO B 206 -4.01 5.14 6.70
CA PRO B 206 -4.91 4.66 7.73
C PRO B 206 -4.29 3.48 8.47
N PRO B 207 -4.77 3.19 9.69
CA PRO B 207 -4.11 2.18 10.54
C PRO B 207 -4.18 0.78 9.94
N GLU B 208 -5.25 0.46 9.22
CA GLU B 208 -5.35 -0.82 8.53
C GLU B 208 -4.34 -0.95 7.38
N TRP B 209 -3.90 0.16 6.82
CA TRP B 209 -2.79 0.12 5.86
C TRP B 209 -1.48 -0.20 6.56
N ILE B 210 -1.17 0.57 7.60
CA ILE B 210 0.05 0.31 8.39
C ILE B 210 0.05 -1.14 8.87
N SER B 211 -1.13 -1.57 9.34
CA SER B 211 -1.27 -2.82 10.04
C SER B 211 -1.24 -4.04 9.13
N ARG B 212 -1.88 -3.96 7.96
CA ARG B 212 -2.08 -5.12 7.09
C ARG B 212 -1.78 -4.91 5.60
N HIS B 213 -1.29 -3.73 5.22
CA HIS B 213 -1.20 -3.34 3.80
C HIS B 213 -2.47 -3.69 3.03
N GLN B 214 -3.63 -3.39 3.61
CA GLN B 214 -4.92 -3.59 2.93
C GLN B 214 -5.97 -2.63 3.48
N TYR B 215 -6.82 -2.08 2.60
CA TYR B 215 -7.90 -1.16 3.00
C TYR B 215 -9.02 -1.07 1.95
N HIS B 216 -10.24 -0.89 2.44
CA HIS B 216 -11.40 -0.68 1.56
C HIS B 216 -11.57 0.80 1.33
N ALA B 217 -12.28 1.14 0.26
CA ALA B 217 -12.38 2.52 -0.22
C ALA B 217 -13.04 3.46 0.78
N LEU B 218 -14.27 3.13 1.14
CA LEU B 218 -15.06 3.99 2.01
C LEU B 218 -14.35 4.25 3.34
N PRO B 219 -14.02 3.19 4.08
CA PRO B 219 -13.50 3.41 5.42
C PRO B 219 -12.18 4.15 5.39
N ALA B 220 -11.40 3.91 4.35
CA ALA B 220 -10.13 4.62 4.16
C ALA B 220 -10.37 6.09 3.82
N THR B 221 -11.39 6.35 3.00
CA THR B 221 -11.75 7.71 2.67
C THR B 221 -12.20 8.46 3.92
N VAL B 222 -13.02 7.80 4.75
CA VAL B 222 -13.57 8.45 5.95
C VAL B 222 -12.43 8.81 6.90
N TRP B 223 -11.46 7.91 7.07
CA TRP B 223 -10.23 8.25 7.79
C TRP B 223 -9.64 9.56 7.25
N SER B 224 -9.39 9.61 5.95
CA SER B 224 -8.75 10.78 5.35
C SER B 224 -9.55 12.06 5.64
N LEU B 225 -10.87 11.97 5.53
CA LEU B 225 -11.74 13.10 5.90
C LEU B 225 -11.55 13.46 7.37
N GLY B 226 -11.46 12.44 8.21
CA GLY B 226 -11.14 12.64 9.60
C GLY B 226 -9.86 13.45 9.71
N ILE B 227 -8.79 12.99 9.07
CA ILE B 227 -7.52 13.71 9.09
C ILE B 227 -7.73 15.12 8.55
N LEU B 228 -8.45 15.21 7.43
CA LEU B 228 -8.69 16.47 6.78
C LEU B 228 -9.31 17.42 7.79
N LEU B 229 -10.46 17.03 8.33
CA LEU B 229 -11.19 17.87 9.26
C LEU B 229 -10.30 18.35 10.40
N TYR B 230 -9.50 17.44 10.95
CA TYR B 230 -8.57 17.79 12.01
C TYR B 230 -7.59 18.85 11.56
N ASP B 231 -7.04 18.71 10.34
CA ASP B 231 -6.09 19.71 9.79
C ASP B 231 -6.70 21.10 9.71
N MET B 232 -7.93 21.16 9.19
CA MET B 232 -8.64 22.40 8.98
C MET B 232 -8.79 23.15 10.30
N VAL B 233 -9.48 22.53 11.24
CA VAL B 233 -9.81 23.16 12.49
C VAL B 233 -8.58 23.32 13.38
N CYS B 234 -7.61 22.42 13.27
CA CYS B 234 -6.45 22.48 14.16
C CYS B 234 -5.22 23.17 13.60
N GLY B 235 -5.12 23.25 12.28
CA GLY B 235 -3.96 23.88 11.62
C GLY B 235 -2.76 22.97 11.38
N ASP B 236 -2.95 21.66 11.55
CA ASP B 236 -1.92 20.64 11.31
C ASP B 236 -2.54 19.24 11.52
N ILE B 237 -1.96 18.22 10.90
CA ILE B 237 -2.44 16.83 11.01
C ILE B 237 -2.19 16.23 12.40
N PRO B 238 -3.04 15.29 12.83
CA PRO B 238 -2.95 14.79 14.18
C PRO B 238 -1.75 13.90 14.46
N PHE B 239 -1.45 12.97 13.56
CA PHE B 239 -0.46 11.93 13.84
C PHE B 239 0.84 12.11 13.09
N GLU B 240 1.94 11.74 13.76
CA GLU B 240 3.28 11.76 13.19
C GLU B 240 3.84 10.34 13.06
N ARG B 241 3.76 9.57 14.14
CA ARG B 241 4.38 8.23 14.15
C ARG B 241 3.35 7.09 14.10
N ASP B 242 3.85 5.91 13.74
CA ASP B 242 3.02 4.73 13.49
C ASP B 242 2.19 4.36 14.69
N GLN B 243 2.84 4.36 15.86
CA GLN B 243 2.20 4.04 17.12
C GLN B 243 0.91 4.84 17.26
N GLU B 244 0.99 6.14 16.99
CA GLU B 244 -0.14 7.05 17.16
C GLU B 244 -1.27 6.77 16.18
N ILE B 245 -0.92 6.47 14.92
CA ILE B 245 -1.92 6.23 13.89
C ILE B 245 -2.75 5.01 14.21
N LEU B 246 -2.09 3.90 14.54
CA LEU B 246 -2.80 2.66 14.89
C LEU B 246 -3.41 2.68 16.28
N GLU B 247 -2.97 3.61 17.13
CA GLU B 247 -3.64 3.87 18.42
C GLU B 247 -4.77 4.88 18.30
N ALA B 248 -4.73 5.71 17.25
CA ALA B 248 -5.66 6.86 17.10
C ALA B 248 -5.56 7.81 18.29
N GLU B 249 -4.35 7.92 18.84
CA GLU B 249 -4.11 8.76 20.01
C GLU B 249 -4.28 10.22 19.64
N LEU B 250 -5.45 10.77 19.97
CA LEU B 250 -5.81 12.15 19.64
C LEU B 250 -5.74 13.07 20.85
N HIS B 251 -4.96 14.15 20.73
CA HIS B 251 -4.93 15.22 21.71
C HIS B 251 -5.40 16.48 21.05
N PHE B 252 -6.64 16.88 21.33
CA PHE B 252 -7.20 18.07 20.71
C PHE B 252 -6.70 19.30 21.44
N PRO B 253 -6.43 20.39 20.70
CA PRO B 253 -6.26 21.68 21.36
C PRO B 253 -7.55 22.20 22.00
N ALA B 254 -7.39 23.23 22.84
CA ALA B 254 -8.45 23.76 23.68
C ALA B 254 -9.67 24.29 22.92
N HIS B 255 -9.46 24.76 21.70
CA HIS B 255 -10.52 25.46 20.95
C HIS B 255 -11.45 24.58 20.09
N VAL B 256 -11.15 23.30 19.99
CA VAL B 256 -12.00 22.43 19.21
C VAL B 256 -13.23 22.09 20.06
N SER B 257 -14.41 22.51 19.60
CA SER B 257 -15.65 22.26 20.31
C SER B 257 -15.81 20.75 20.56
N PRO B 258 -16.27 20.37 21.76
CA PRO B 258 -16.59 18.96 21.99
C PRO B 258 -17.38 18.32 20.86
N ASP B 259 -18.34 19.06 20.31
CA ASP B 259 -19.17 18.64 19.17
C ASP B 259 -18.28 18.21 18.00
N CYS B 260 -17.30 19.07 17.69
CA CYS B 260 -16.32 18.82 16.63
C CYS B 260 -15.44 17.59 16.91
N CYS B 261 -14.67 17.64 17.99
CA CYS B 261 -13.85 16.51 18.44
C CYS B 261 -14.58 15.20 18.24
N ALA B 262 -15.82 15.15 18.73
CA ALA B 262 -16.64 13.95 18.64
C ALA B 262 -16.61 13.36 17.23
N LEU B 263 -16.82 14.20 16.23
CA LEU B 263 -16.86 13.75 14.83
C LEU B 263 -15.50 13.29 14.34
N ILE B 264 -14.46 14.08 14.63
CA ILE B 264 -13.10 13.67 14.29
C ILE B 264 -12.83 12.27 14.84
N ARG B 265 -13.15 12.08 16.11
CA ARG B 265 -12.91 10.83 16.81
C ARG B 265 -13.75 9.69 16.23
N ARG B 266 -14.95 10.03 15.76
CA ARG B 266 -15.76 9.07 15.02
C ARG B 266 -15.04 8.65 13.74
N CYS B 267 -14.51 9.62 13.00
CA CYS B 267 -13.86 9.33 11.73
C CYS B 267 -12.49 8.67 11.88
N LEU B 268 -11.74 9.07 12.90
CA LEU B 268 -10.44 8.46 13.17
C LEU B 268 -10.55 7.29 14.16
N ALA B 269 -11.46 6.38 13.86
CA ALA B 269 -11.60 5.15 14.63
C ALA B 269 -10.58 4.17 14.09
N PRO B 270 -9.75 3.57 14.96
CA PRO B 270 -8.83 2.53 14.50
C PRO B 270 -9.51 1.37 13.76
N LYS B 271 -10.59 0.83 14.32
CA LYS B 271 -11.34 -0.23 13.67
C LYS B 271 -12.11 0.39 12.52
N PRO B 272 -11.87 -0.06 11.29
CA PRO B 272 -12.62 0.42 10.14
C PRO B 272 -14.14 0.33 10.26
N SER B 273 -14.66 -0.80 10.71
CA SER B 273 -16.10 -0.96 10.94
C SER B 273 -16.67 0.15 11.83
N SER B 274 -15.93 0.52 12.88
CA SER B 274 -16.36 1.55 13.83
C SER B 274 -16.68 2.87 13.14
N ARG B 275 -16.01 3.16 12.04
CA ARG B 275 -16.09 4.48 11.41
C ARG B 275 -17.43 4.71 10.74
N PRO B 276 -17.91 5.97 10.73
CA PRO B 276 -19.17 6.29 10.11
C PRO B 276 -19.09 6.28 8.58
N SER B 277 -20.25 6.42 7.95
CA SER B 277 -20.31 6.52 6.49
C SER B 277 -20.54 7.97 6.12
N LEU B 278 -20.30 8.28 4.86
CA LEU B 278 -20.43 9.65 4.34
C LEU B 278 -21.77 10.27 4.70
N GLU B 279 -22.84 9.52 4.44
CA GLU B 279 -24.21 9.96 4.71
C GLU B 279 -24.40 10.29 6.20
N GLU B 280 -23.74 9.52 7.07
CA GLU B 280 -23.83 9.71 8.53
C GLU B 280 -23.01 10.90 9.00
N ILE B 281 -21.90 11.14 8.31
CA ILE B 281 -21.07 12.31 8.61
C ILE B 281 -21.92 13.54 8.36
N LEU B 282 -22.76 13.50 7.33
CA LEU B 282 -23.57 14.66 6.98
C LEU B 282 -24.66 14.90 8.02
N LEU B 283 -25.23 13.83 8.56
CA LEU B 283 -26.18 13.95 9.66
C LEU B 283 -25.53 14.39 10.99
N ASP B 284 -24.25 14.09 11.19
CA ASP B 284 -23.57 14.41 12.45
C ASP B 284 -23.91 15.80 12.99
N PRO B 285 -24.31 15.88 14.28
CA PRO B 285 -24.69 17.15 14.96
C PRO B 285 -23.78 18.35 14.72
N TRP B 286 -22.48 18.12 14.53
CA TRP B 286 -21.55 19.20 14.24
C TRP B 286 -21.80 19.77 12.86
N MET B 287 -22.07 18.89 11.89
CA MET B 287 -22.29 19.32 10.51
C MET B 287 -23.50 20.23 10.34
N GLN B 288 -24.51 20.08 11.21
CA GLN B 288 -25.67 20.98 11.21
C GLN B 288 -25.32 22.36 11.75
O3 HB1 C . 1.61 -10.52 -8.68
C4 HB1 C . 2.01 -11.18 -7.83
RU1 HB1 C . 2.47 -12.26 -6.41
C5 HB1 C . 1.12 -11.25 -5.09
C6 HB1 C . 0.67 -12.58 -5.22
C7 HB1 C . 1.68 -13.42 -4.69
C8 HB1 C . 2.74 -12.61 -4.23
C9 HB1 C . 2.38 -11.26 -4.48
N3 HB1 C . 4.55 -12.21 -6.82
C2 HB1 C . 5.48 -11.38 -6.38
N1 HB1 C . 2.65 -13.92 -7.66
C11 HB1 C . 1.93 -14.92 -8.25
C16 HB1 C . 2.79 -15.75 -9.03
C15 HB1 C . 2.26 -16.84 -9.72
C14 HB1 C . 0.89 -17.07 -9.62
C13 HB1 C . 0.07 -16.23 -8.83
C12 HB1 C . 0.57 -15.14 -8.14
C17 HB1 C . 4.10 -15.19 -8.90
C10 HB1 C . 3.91 -14.08 -8.05
C18 HB1 C . 5.41 -15.39 -9.30
C19 HB1 C . 6.01 -16.44 -10.19
O1 HB1 C . 5.45 -17.34 -10.73
C21 HB1 C . 6.46 -14.55 -8.90
C20 HB1 C . 7.70 -15.02 -9.49
N2 HB1 C . 7.37 -16.16 -10.24
O2 HB1 C . 8.82 -14.57 -9.37
C22 HB1 C . 6.26 -13.44 -8.05
C3 HB1 C . 4.94 -13.24 -7.63
C23 HB1 C . 7.23 -12.53 -7.58
C1 HB1 C . 6.83 -11.52 -6.75
O3 HB1 D . 0.92 22.26 -9.46
C4 HB1 D . 0.12 22.08 -8.67
RU1 HB1 D . -1.09 21.72 -7.30
C5 HB1 D . -1.59 20.65 -5.39
C6 HB1 D . -0.29 20.28 -5.85
C7 HB1 D . 0.51 21.43 -5.86
C8 HB1 D . -0.26 22.53 -5.44
C9 HB1 D . -1.56 22.04 -5.14
N3 HB1 D . -2.27 20.42 -8.52
C2 HB1 D . -2.15 19.11 -8.73
N1 HB1 D . -2.48 23.08 -8.03
C11 HB1 D . -2.85 24.40 -7.99
C16 HB1 D . -4.00 24.63 -8.82
C15 HB1 D . -4.52 25.92 -8.92
C14 HB1 D . -3.90 26.94 -8.19
C13 HB1 D . -2.77 26.70 -7.38
C12 HB1 D . -2.23 25.43 -7.27
C17 HB1 D . -4.34 23.34 -9.39
C10 HB1 D . -3.35 22.47 -8.85
C18 HB1 D . -5.26 22.71 -10.24
C19 HB1 D . -6.41 23.27 -11.00
O1 HB1 D . -6.79 24.40 -11.02
C21 HB1 D . -5.21 21.34 -10.53
C20 HB1 D . -6.30 21.00 -11.46
N2 HB1 D . -6.98 22.19 -11.69
O2 HB1 D . -6.59 19.91 -11.93
C22 HB1 D . -4.21 20.47 -9.99
C3 HB1 D . -3.29 21.09 -9.13
C23 HB1 D . -4.06 19.08 -10.21
C1 HB1 D . -3.03 18.42 -9.58
#